data_4PR3
#
_entry.id   4PR3
#
_cell.length_a   97.326
_cell.length_b   97.326
_cell.length_c   175.111
_cell.angle_alpha   90.00
_cell.angle_beta   90.00
_cell.angle_gamma   120.00
#
_symmetry.space_group_name_H-M   'P 65 2 2'
#
loop_
_entity.id
_entity.type
_entity.pdbx_description
1 polymer "5'-methylthioadenosine nucleosidase / s-adenosylhomocysteine nucleosidase"
2 non-polymer ADENINE
3 non-polymer 'PHOSPHATE ION'
4 non-polymer GLYCEROL
5 water water
#
_entity_poly.entity_id   1
_entity_poly.type   'polypeptide(L)'
_entity_poly.pdbx_seq_one_letter_code
;(MSE)HHHHHHHHGVDLGTENLYFQSNA(MSE)KTVAGKRLLYV(MSE)AADAEYGRHLAKLFTPL(MSE)IGVGPVEAA
VNLASALAHLKLAGD(MSE)PDLVISLGSAGSAKLPQAEVYQVSSVSYRD(MSE)DASPIGFEKGVTPFLDLPETVELPF
RVAGIDTASLSTGGNIVSGKAYERIEAD(MSE)VD(MSE)ETYACLRACQAVGVPLLGLRGISDGASELKHVGDWTQHLH
VIDEKLAGAVARVERAVADGLLSPS
;
_entity_poly.pdbx_strand_id   A,B
#
loop_
_chem_comp.id
_chem_comp.type
_chem_comp.name
_chem_comp.formula
ADE non-polymer ADENINE 'C5 H5 N5'
GOL non-polymer GLYCEROL 'C3 H8 O3'
PO4 non-polymer 'PHOSPHATE ION' 'O4 P -3'
#
# COMPACT_ATOMS: atom_id res chain seq x y z
N GLN A 21 -18.21 1.60 -7.18
CA GLN A 21 -19.37 2.49 -7.12
C GLN A 21 -19.98 2.70 -8.50
N SER A 22 -19.16 3.23 -9.42
CA SER A 22 -19.52 3.43 -10.83
C SER A 22 -20.50 4.58 -11.09
N ASN A 23 -21.14 5.07 -10.04
CA ASN A 23 -22.01 6.24 -10.15
C ASN A 23 -21.22 7.50 -9.81
N ALA A 24 -19.97 7.30 -9.40
CA ALA A 24 -19.09 8.40 -9.04
C ALA A 24 -18.30 8.86 -10.26
N MSE A 25 -18.46 8.13 -11.36
CA MSE A 25 -17.77 8.46 -12.60
C MSE A 25 -18.41 9.64 -13.31
O MSE A 25 -19.64 9.74 -13.38
CB MSE A 25 -17.72 7.25 -13.53
CG MSE A 25 -17.01 6.06 -12.93
SE MSE A 25 -15.77 5.30 -14.21
CE MSE A 25 -14.83 6.93 -14.69
N LYS A 26 -17.58 10.52 -13.85
CA LYS A 26 -18.06 11.68 -14.58
C LYS A 26 -17.62 11.57 -16.03
N THR A 27 -18.52 11.88 -16.95
CA THR A 27 -18.18 11.83 -18.37
C THR A 27 -17.89 13.24 -18.89
N VAL A 28 -16.68 13.43 -19.39
CA VAL A 28 -16.29 14.70 -19.97
C VAL A 28 -15.81 14.47 -21.39
N ALA A 29 -16.55 15.02 -22.35
CA ALA A 29 -16.21 14.92 -23.77
C ALA A 29 -15.98 13.48 -24.23
N GLY A 30 -16.91 12.59 -23.87
CA GLY A 30 -16.82 11.21 -24.29
C GLY A 30 -15.80 10.38 -23.53
N LYS A 31 -15.10 11.00 -22.59
CA LYS A 31 -14.12 10.31 -21.78
C LYS A 31 -14.63 10.12 -20.35
N ARG A 32 -14.31 9.00 -19.74
CA ARG A 32 -14.79 8.70 -18.38
C ARG A 32 -13.72 8.97 -17.32
N LEU A 33 -14.00 9.92 -16.43
CA LEU A 33 -13.06 10.34 -15.41
C LEU A 33 -13.48 9.88 -14.01
N LEU A 34 -12.51 9.41 -13.23
CA LEU A 34 -12.76 8.97 -11.87
C LEU A 34 -11.93 9.75 -10.86
N TYR A 35 -12.58 10.49 -9.98
CA TYR A 35 -11.89 11.27 -8.98
C TYR A 35 -11.79 10.50 -7.67
N VAL A 36 -10.58 10.44 -7.11
CA VAL A 36 -10.38 9.77 -5.83
C VAL A 36 -9.80 10.73 -4.80
N MSE A 37 -10.29 10.62 -3.56
CA MSE A 37 -9.78 11.43 -2.47
C MSE A 37 -9.60 10.59 -1.21
O MSE A 37 -10.25 9.56 -1.05
CB MSE A 37 -10.73 12.61 -2.18
CG MSE A 37 -10.99 13.48 -3.40
SE MSE A 37 -11.69 15.24 -2.97
CE MSE A 37 -10.12 16.00 -2.12
N ALA A 38 -8.71 11.02 -0.33
CA ALA A 38 -8.41 10.27 0.88
C ALA A 38 -9.51 10.44 1.93
N ALA A 39 -9.66 11.65 2.45
CA ALA A 39 -10.60 11.92 3.53
C ALA A 39 -11.64 12.97 3.14
N ASP A 40 -12.81 12.90 3.76
CA ASP A 40 -13.92 13.81 3.45
C ASP A 40 -13.64 15.26 3.87
N ALA A 41 -12.59 15.46 4.65
CA ALA A 41 -12.22 16.79 5.12
C ALA A 41 -11.75 17.69 3.97
N GLU A 42 -11.09 17.10 2.99
CA GLU A 42 -10.55 17.86 1.87
C GLU A 42 -11.62 18.20 0.83
N TYR A 43 -12.77 17.53 0.93
CA TYR A 43 -13.83 17.67 -0.06
C TYR A 43 -14.82 18.75 0.38
N GLY A 44 -14.80 19.88 -0.32
CA GLY A 44 -15.58 21.03 0.06
C GLY A 44 -16.76 21.35 -0.84
N ARG A 45 -17.24 22.59 -0.76
CA ARG A 45 -18.41 23.04 -1.50
C ARG A 45 -18.15 23.18 -3.00
N HIS A 46 -17.02 23.78 -3.36
CA HIS A 46 -16.69 24.02 -4.76
C HIS A 46 -16.41 22.73 -5.53
N LEU A 47 -15.73 21.79 -4.88
CA LEU A 47 -15.44 20.49 -5.49
C LEU A 47 -16.72 19.67 -5.60
N ALA A 48 -17.64 19.88 -4.65
CA ALA A 48 -18.92 19.17 -4.65
C ALA A 48 -19.74 19.49 -5.88
N LYS A 49 -19.55 20.68 -6.44
CA LYS A 49 -20.24 21.08 -7.66
C LYS A 49 -19.72 20.30 -8.88
N LEU A 50 -18.43 19.99 -8.87
CA LEU A 50 -17.78 19.35 -10.02
C LEU A 50 -17.94 17.84 -10.12
N PHE A 51 -17.84 17.12 -8.99
CA PHE A 51 -17.88 15.66 -9.04
C PHE A 51 -18.21 15.01 -7.70
N THR A 52 -18.34 13.68 -7.73
CA THR A 52 -18.46 12.87 -6.53
C THR A 52 -17.29 11.91 -6.44
N PRO A 53 -16.39 12.14 -5.46
CA PRO A 53 -15.16 11.36 -5.31
C PRO A 53 -15.37 9.99 -4.67
N LEU A 54 -14.57 9.02 -5.12
CA LEU A 54 -14.43 7.75 -4.43
C LEU A 54 -13.51 8.00 -3.23
N MSE A 55 -13.95 7.60 -2.04
CA MSE A 55 -13.14 7.82 -0.85
C MSE A 55 -12.14 6.69 -0.71
O MSE A 55 -12.50 5.52 -0.52
CB MSE A 55 -14.02 7.94 0.39
CG MSE A 55 -15.01 9.09 0.32
SE MSE A 55 -14.20 10.73 -0.40
CE MSE A 55 -12.73 10.91 0.85
N ILE A 56 -10.86 7.04 -0.79
CA ILE A 56 -9.79 6.07 -0.94
C ILE A 56 -9.12 5.66 0.38
N GLY A 57 -9.40 6.41 1.44
CA GLY A 57 -8.78 6.13 2.72
C GLY A 57 -7.44 6.84 2.90
N VAL A 58 -6.83 6.66 4.07
CA VAL A 58 -5.63 7.40 4.43
C VAL A 58 -4.39 6.51 4.48
N GLY A 59 -3.32 6.94 3.80
CA GLY A 59 -2.07 6.22 3.82
C GLY A 59 -1.90 5.32 2.60
N PRO A 60 -0.66 4.90 2.32
CA PRO A 60 -0.32 4.10 1.14
C PRO A 60 -1.02 2.74 1.09
N VAL A 61 -1.13 2.06 2.23
CA VAL A 61 -1.76 0.74 2.26
C VAL A 61 -3.28 0.82 2.04
N GLU A 62 -3.93 1.75 2.73
CA GLU A 62 -5.37 1.95 2.57
C GLU A 62 -5.69 2.38 1.14
N ALA A 63 -4.88 3.28 0.60
CA ALA A 63 -5.06 3.78 -0.76
C ALA A 63 -4.89 2.69 -1.80
N ALA A 64 -3.84 1.89 -1.63
CA ALA A 64 -3.55 0.80 -2.55
C ALA A 64 -4.65 -0.27 -2.53
N VAL A 65 -5.05 -0.68 -1.33
CA VAL A 65 -6.05 -1.73 -1.19
C VAL A 65 -7.40 -1.29 -1.75
N ASN A 66 -7.85 -0.10 -1.35
CA ASN A 66 -9.16 0.40 -1.78
C ASN A 66 -9.26 0.70 -3.28
N LEU A 67 -8.22 1.29 -3.86
CA LEU A 67 -8.26 1.65 -5.27
C LEU A 67 -8.06 0.46 -6.18
N ALA A 68 -7.21 -0.49 -5.78
CA ALA A 68 -6.99 -1.70 -6.57
C ALA A 68 -8.25 -2.54 -6.63
N SER A 69 -9.03 -2.53 -5.55
CA SER A 69 -10.28 -3.28 -5.51
C SER A 69 -11.32 -2.63 -6.41
N ALA A 70 -11.44 -1.31 -6.31
CA ALA A 70 -12.41 -0.57 -7.11
C ALA A 70 -12.12 -0.75 -8.59
N LEU A 71 -10.85 -0.60 -8.97
CA LEU A 71 -10.45 -0.72 -10.36
C LEU A 71 -10.62 -2.15 -10.89
N ALA A 72 -10.46 -3.13 -10.02
CA ALA A 72 -10.64 -4.53 -10.42
C ALA A 72 -12.11 -4.84 -10.63
N HIS A 73 -12.98 -4.26 -9.81
CA HIS A 73 -14.41 -4.40 -9.98
C HIS A 73 -14.85 -3.79 -11.30
N LEU A 74 -14.34 -2.59 -11.59
CA LEU A 74 -14.72 -1.86 -12.79
C LEU A 74 -14.21 -2.52 -14.07
N LYS A 75 -13.04 -3.14 -14.01
CA LYS A 75 -12.43 -3.72 -15.21
C LYS A 75 -13.15 -4.97 -15.67
N LEU A 76 -13.46 -5.86 -14.73
CA LEU A 76 -14.17 -7.09 -15.04
C LEU A 76 -15.63 -6.79 -15.40
N ALA A 77 -16.07 -5.56 -15.09
CA ALA A 77 -17.40 -5.11 -15.47
C ALA A 77 -17.37 -4.29 -16.77
N GLY A 78 -16.18 -4.11 -17.34
CA GLY A 78 -16.01 -3.36 -18.58
C GLY A 78 -16.28 -1.86 -18.42
N ASP A 79 -16.34 -1.42 -17.17
CA ASP A 79 -16.72 -0.05 -16.82
C ASP A 79 -15.53 0.91 -16.65
N MSE A 80 -14.35 0.45 -17.05
CA MSE A 80 -13.08 1.15 -16.80
C MSE A 80 -13.05 2.64 -17.14
O MSE A 80 -13.61 3.07 -18.15
CB MSE A 80 -11.96 0.48 -17.59
CG MSE A 80 -11.51 -0.82 -16.99
SE MSE A 80 -10.36 -0.49 -15.45
CE MSE A 80 -8.65 -0.87 -16.32
N PRO A 81 -12.38 3.43 -16.29
CA PRO A 81 -12.15 4.86 -16.51
C PRO A 81 -11.03 5.11 -17.51
N ASP A 82 -11.12 6.23 -18.22
CA ASP A 82 -10.04 6.66 -19.12
C ASP A 82 -8.94 7.38 -18.36
N LEU A 83 -9.33 8.07 -17.28
CA LEU A 83 -8.39 8.80 -16.44
C LEU A 83 -8.79 8.74 -14.98
N VAL A 84 -7.83 8.47 -14.11
CA VAL A 84 -8.04 8.59 -12.67
C VAL A 84 -7.34 9.85 -12.15
N ILE A 85 -8.07 10.67 -11.41
CA ILE A 85 -7.48 11.86 -10.82
C ILE A 85 -7.39 11.75 -9.30
N SER A 86 -6.16 11.63 -8.81
CA SER A 86 -5.90 11.69 -7.38
C SER A 86 -5.71 13.14 -6.97
N LEU A 87 -6.53 13.62 -6.04
CA LEU A 87 -6.39 14.99 -5.58
C LEU A 87 -6.70 15.14 -4.09
N GLY A 88 -6.11 16.15 -3.47
CA GLY A 88 -6.24 16.37 -2.04
C GLY A 88 -5.26 17.43 -1.59
N SER A 89 -4.86 17.41 -0.33
CA SER A 89 -3.90 18.38 0.14
C SER A 89 -2.50 17.79 0.23
N ALA A 90 -1.53 18.64 0.54
CA ALA A 90 -0.14 18.22 0.70
C ALA A 90 0.60 19.24 1.56
N GLY A 91 1.67 18.79 2.22
CA GLY A 91 2.55 19.73 2.92
C GLY A 91 3.75 20.12 2.09
N SER A 92 4.29 21.32 2.35
CA SER A 92 5.57 21.70 1.80
C SER A 92 6.28 22.73 2.67
N ALA A 93 7.59 22.58 2.83
CA ALA A 93 8.41 23.67 3.36
C ALA A 93 9.05 24.48 2.23
N LYS A 94 9.01 23.93 1.03
CA LYS A 94 9.55 24.60 -0.16
C LYS A 94 8.57 25.54 -0.88
N LEU A 95 7.33 25.08 -1.03
CA LEU A 95 6.35 25.77 -1.86
C LEU A 95 5.46 26.76 -1.11
N PRO A 96 5.03 27.83 -1.80
CA PRO A 96 4.05 28.81 -1.27
C PRO A 96 2.81 28.13 -0.71
N GLN A 97 2.38 28.56 0.47
CA GLN A 97 1.22 27.96 1.12
C GLN A 97 -0.07 28.31 0.39
N ALA A 98 -1.05 27.41 0.48
CA ALA A 98 -2.37 27.62 -0.09
C ALA A 98 -2.35 27.85 -1.60
N GLU A 99 -1.48 27.11 -2.28
CA GLU A 99 -1.47 27.12 -3.74
C GLU A 99 -1.65 25.71 -4.27
N VAL A 100 -2.22 25.59 -5.46
CA VAL A 100 -2.51 24.29 -6.07
C VAL A 100 -1.47 23.91 -7.14
N TYR A 101 -1.05 22.65 -7.12
CA TYR A 101 -0.03 22.17 -8.04
C TYR A 101 -0.44 20.84 -8.67
N GLN A 102 -0.08 20.64 -9.93
CA GLN A 102 -0.26 19.35 -10.57
C GLN A 102 1.02 18.53 -10.39
N VAL A 103 0.87 17.23 -10.21
CA VAL A 103 2.02 16.39 -9.88
C VAL A 103 2.77 15.96 -11.13
N SER A 104 4.02 16.41 -11.23
CA SER A 104 4.87 16.09 -12.36
C SER A 104 5.50 14.71 -12.21
N SER A 105 5.85 14.37 -10.97
CA SER A 105 6.43 13.07 -10.68
C SER A 105 6.18 12.70 -9.23
N VAL A 106 6.18 11.40 -8.94
CA VAL A 106 5.92 10.92 -7.59
C VAL A 106 6.96 9.87 -7.17
N SER A 107 7.27 9.86 -5.88
CA SER A 107 8.19 8.88 -5.34
C SER A 107 7.63 8.33 -4.03
N TYR A 108 8.20 7.20 -3.58
CA TYR A 108 7.74 6.51 -2.38
C TYR A 108 8.84 6.57 -1.33
N ARG A 109 8.64 7.38 -0.29
CA ARG A 109 9.73 7.65 0.65
C ARG A 109 9.87 6.58 1.74
N ASP A 110 8.87 5.72 1.86
CA ASP A 110 8.92 4.65 2.84
C ASP A 110 9.78 3.49 2.36
N MSE A 111 10.15 3.51 1.09
CA MSE A 111 10.88 2.41 0.49
C MSE A 111 12.38 2.62 0.56
O MSE A 111 12.91 3.50 -0.13
CB MSE A 111 10.45 2.25 -0.97
CG MSE A 111 11.30 1.29 -1.79
SE MSE A 111 11.01 -0.58 -1.31
CE MSE A 111 12.64 -0.91 -0.36
N ASP A 112 13.06 1.86 1.40
CA ASP A 112 14.51 1.87 1.42
C ASP A 112 15.08 0.46 1.39
N ALA A 113 15.65 0.05 0.25
CA ALA A 113 16.33 -1.23 0.12
C ALA A 113 17.85 -1.12 0.17
N SER A 114 18.34 0.09 0.40
CA SER A 114 19.78 0.37 0.34
C SER A 114 20.74 -0.54 1.12
N PRO A 115 20.34 -1.02 2.31
CA PRO A 115 21.23 -1.98 3.00
C PRO A 115 21.64 -3.18 2.15
N ILE A 116 20.76 -3.63 1.26
CA ILE A 116 21.09 -4.75 0.36
C ILE A 116 21.62 -4.32 -1.02
N GLY A 117 21.84 -3.03 -1.21
CA GLY A 117 22.45 -2.55 -2.45
C GLY A 117 21.58 -1.85 -3.48
N PHE A 118 20.38 -1.42 -3.10
CA PHE A 118 19.49 -0.70 -4.00
C PHE A 118 19.53 0.80 -3.71
N GLU A 119 19.35 1.63 -4.75
CA GLU A 119 19.22 3.06 -4.55
C GLU A 119 18.00 3.33 -3.67
N LYS A 120 18.11 4.30 -2.75
CA LYS A 120 16.98 4.67 -1.90
C LYS A 120 15.76 5.04 -2.73
N GLY A 121 14.60 4.54 -2.33
CA GLY A 121 13.36 4.86 -3.01
C GLY A 121 12.99 3.87 -4.10
N VAL A 122 13.93 3.00 -4.45
CA VAL A 122 13.70 2.02 -5.51
C VAL A 122 13.21 0.69 -4.94
N THR A 123 12.17 0.13 -5.56
CA THR A 123 11.61 -1.14 -5.14
C THR A 123 12.22 -2.31 -5.92
N PRO A 124 12.73 -3.31 -5.19
CA PRO A 124 13.30 -4.54 -5.77
C PRO A 124 12.32 -5.30 -6.68
N PHE A 125 12.88 -5.91 -7.72
CA PHE A 125 12.12 -6.76 -8.66
C PHE A 125 11.00 -6.02 -9.37
N LEU A 126 11.13 -4.71 -9.46
CA LEU A 126 10.15 -3.88 -10.13
C LEU A 126 10.91 -2.89 -10.99
N ASP A 127 10.60 -2.85 -12.28
CA ASP A 127 11.35 -1.95 -13.12
C ASP A 127 10.58 -0.64 -13.10
N LEU A 128 11.05 0.26 -12.26
CA LEU A 128 10.55 1.62 -12.16
C LEU A 128 11.70 2.45 -11.63
N PRO A 129 11.82 3.72 -12.05
CA PRO A 129 12.90 4.50 -11.43
C PRO A 129 12.46 4.97 -10.05
N GLU A 130 13.35 5.64 -9.33
CA GLU A 130 13.01 6.10 -7.99
C GLU A 130 12.00 7.23 -8.07
N THR A 131 12.08 8.01 -9.14
CA THR A 131 11.15 9.10 -9.37
C THR A 131 10.34 8.79 -10.62
N VAL A 132 9.02 8.66 -10.46
CA VAL A 132 8.17 8.23 -11.56
C VAL A 132 7.41 9.39 -12.18
N GLU A 133 7.75 9.70 -13.42
CA GLU A 133 7.09 10.77 -14.17
C GLU A 133 5.62 10.44 -14.40
N LEU A 134 4.75 11.40 -14.10
CA LEU A 134 3.34 11.27 -14.48
C LEU A 134 3.19 11.72 -15.93
N PRO A 135 2.26 11.08 -16.67
CA PRO A 135 2.15 11.27 -18.13
C PRO A 135 1.65 12.65 -18.59
N PHE A 136 0.99 13.42 -17.74
CA PHE A 136 0.27 14.60 -18.24
C PHE A 136 0.73 15.95 -17.72
N ARG A 137 0.55 16.97 -18.55
CA ARG A 137 0.81 18.36 -18.18
C ARG A 137 -0.35 19.21 -18.68
N VAL A 138 -1.04 19.88 -17.76
CA VAL A 138 -2.13 20.77 -18.11
C VAL A 138 -1.67 22.22 -17.96
N ALA A 139 -1.91 23.02 -19.00
CA ALA A 139 -1.50 24.41 -18.99
C ALA A 139 -2.26 25.22 -17.95
N GLY A 140 -1.57 26.17 -17.33
CA GLY A 140 -2.22 27.06 -16.39
C GLY A 140 -2.14 26.61 -14.95
N ILE A 141 -1.47 25.48 -14.72
CA ILE A 141 -1.28 24.96 -13.38
C ILE A 141 0.20 24.70 -13.11
N ASP A 142 0.67 25.13 -11.95
CA ASP A 142 2.04 24.88 -11.55
C ASP A 142 2.32 23.38 -11.44
N THR A 143 3.56 22.99 -11.67
CA THR A 143 3.96 21.60 -11.53
C THR A 143 4.86 21.45 -10.31
N ALA A 144 4.78 20.29 -9.66
CA ALA A 144 5.63 20.01 -8.51
C ALA A 144 5.90 18.51 -8.40
N SER A 145 7.08 18.16 -7.92
CA SER A 145 7.42 16.77 -7.63
C SER A 145 6.81 16.39 -6.28
N LEU A 146 6.41 15.12 -6.15
CA LEU A 146 5.69 14.69 -4.96
C LEU A 146 6.33 13.47 -4.31
N SER A 147 6.24 13.42 -2.99
CA SER A 147 6.68 12.27 -2.21
C SER A 147 5.51 11.68 -1.44
N THR A 148 5.35 10.36 -1.49
CA THR A 148 4.28 9.67 -0.77
C THR A 148 4.84 8.79 0.34
N GLY A 149 4.22 8.87 1.52
CA GLY A 149 4.61 8.05 2.65
C GLY A 149 3.50 7.95 3.69
N GLY A 150 3.64 7.03 4.63
CA GLY A 150 2.63 6.84 5.66
C GLY A 150 2.73 7.84 6.79
N ASN A 151 3.78 8.65 6.78
CA ASN A 151 3.97 9.64 7.83
C ASN A 151 3.56 11.05 7.39
N ILE A 152 2.95 11.79 8.32
CA ILE A 152 2.74 13.21 8.12
C ILE A 152 4.07 13.92 8.39
N VAL A 153 4.55 14.66 7.40
CA VAL A 153 5.84 15.31 7.52
C VAL A 153 5.70 16.69 8.14
N SER A 154 6.48 16.94 9.19
CA SER A 154 6.44 18.23 9.86
C SER A 154 7.81 18.65 10.38
N GLY A 155 7.97 19.94 10.64
CA GLY A 155 9.20 20.48 11.19
C GLY A 155 10.41 20.15 10.33
N LYS A 156 11.44 19.61 10.95
CA LYS A 156 12.64 19.23 10.22
C LYS A 156 12.40 17.95 9.43
N ALA A 157 13.04 17.86 8.27
CA ALA A 157 13.02 16.64 7.47
C ALA A 157 11.63 16.16 7.03
N TYR A 158 10.97 16.83 6.08
CA TYR A 158 11.45 18.02 5.34
C TYR A 158 12.82 17.99 4.64
N GLU A 159 13.82 18.66 5.18
CA GLU A 159 15.15 18.66 4.55
C GLU A 159 15.70 17.26 4.20
N ARG A 160 15.13 16.21 4.77
CA ARG A 160 15.42 14.85 4.32
C ARG A 160 14.57 14.43 3.10
N ILE A 161 13.68 15.32 2.65
CA ILE A 161 12.82 15.04 1.50
C ILE A 161 13.25 15.81 0.26
N GLU A 162 13.57 15.11 -0.82
CA GLU A 162 14.04 15.75 -2.05
C GLU A 162 12.90 16.39 -2.84
N ALA A 163 11.71 15.81 -2.74
CA ALA A 163 10.55 16.28 -3.48
C ALA A 163 10.09 17.66 -2.99
N ASP A 164 9.33 18.36 -3.83
CA ASP A 164 8.81 19.68 -3.48
C ASP A 164 7.74 19.62 -2.41
N MSE A 165 6.91 18.58 -2.45
CA MSE A 165 5.79 18.44 -1.53
C MSE A 165 5.57 16.99 -1.11
O MSE A 165 6.13 16.07 -1.72
CB MSE A 165 4.51 19.02 -2.15
CG MSE A 165 4.35 18.70 -3.63
SE MSE A 165 2.60 19.16 -4.36
CE MSE A 165 2.58 21.05 -4.03
N VAL A 166 4.78 16.79 -0.06
CA VAL A 166 4.57 15.46 0.50
C VAL A 166 3.08 15.11 0.65
N ASP A 167 2.74 13.86 0.38
CA ASP A 167 1.39 13.37 0.65
C ASP A 167 1.42 11.92 1.14
N MSE A 168 0.26 11.39 1.50
CA MSE A 168 0.17 10.01 1.97
C MSE A 168 -0.42 8.97 1.01
O MSE A 168 -0.55 7.80 1.39
CB MSE A 168 -0.53 9.99 3.32
CG MSE A 168 0.20 10.89 4.30
SE MSE A 168 -0.79 11.18 5.92
CE MSE A 168 -0.94 9.31 6.48
N GLU A 169 -0.78 9.38 -0.20
CA GLU A 169 -1.62 8.55 -1.07
C GLU A 169 -1.08 8.28 -2.47
N THR A 170 -0.79 9.35 -3.20
CA THR A 170 -0.62 9.33 -4.66
C THR A 170 0.20 8.19 -5.25
N TYR A 171 1.38 7.89 -4.69
CA TYR A 171 2.19 6.81 -5.22
C TYR A 171 1.46 5.47 -5.18
N ALA A 172 0.67 5.27 -4.13
CA ALA A 172 -0.13 4.05 -4.02
C ALA A 172 -1.20 4.01 -5.09
N CYS A 173 -1.75 5.18 -5.43
CA CYS A 173 -2.73 5.27 -6.49
C CYS A 173 -2.11 4.92 -7.83
N LEU A 174 -0.89 5.40 -8.04
CA LEU A 174 -0.17 5.17 -9.28
C LEU A 174 0.02 3.69 -9.57
N ARG A 175 0.55 2.97 -8.58
CA ARG A 175 0.82 1.55 -8.75
C ARG A 175 -0.47 0.77 -9.00
N ALA A 176 -1.56 1.23 -8.40
CA ALA A 176 -2.87 0.63 -8.63
C ALA A 176 -3.34 0.89 -10.07
N CYS A 177 -3.14 2.12 -10.55
CA CYS A 177 -3.52 2.48 -11.91
C CYS A 177 -2.66 1.79 -12.96
N GLN A 178 -1.36 1.68 -12.69
CA GLN A 178 -0.45 1.01 -13.59
C GLN A 178 -0.77 -0.48 -13.67
N ALA A 179 -1.27 -1.02 -12.56
CA ALA A 179 -1.63 -2.43 -12.47
C ALA A 179 -2.75 -2.80 -13.43
N VAL A 180 -3.74 -1.92 -13.56
CA VAL A 180 -4.84 -2.13 -14.50
C VAL A 180 -4.71 -1.37 -15.82
N GLY A 181 -3.65 -0.56 -15.96
CA GLY A 181 -3.39 0.13 -17.21
C GLY A 181 -4.07 1.48 -17.43
N VAL A 182 -4.59 2.08 -16.36
CA VAL A 182 -5.17 3.42 -16.45
C VAL A 182 -4.12 4.49 -16.14
N PRO A 183 -4.14 5.61 -16.89
CA PRO A 183 -3.22 6.71 -16.55
C PRO A 183 -3.70 7.52 -15.34
N LEU A 184 -2.77 8.18 -14.66
CA LEU A 184 -3.07 8.92 -13.44
C LEU A 184 -2.67 10.40 -13.55
N LEU A 185 -3.49 11.27 -12.96
CA LEU A 185 -3.17 12.70 -12.89
C LEU A 185 -3.37 13.18 -11.45
N GLY A 186 -2.32 13.76 -10.86
CA GLY A 186 -2.43 14.33 -9.52
C GLY A 186 -2.67 15.83 -9.45
N LEU A 187 -3.34 16.25 -8.37
CA LEU A 187 -3.51 17.67 -8.04
C LEU A 187 -3.40 17.85 -6.53
N ARG A 188 -2.55 18.77 -6.09
CA ARG A 188 -2.33 18.96 -4.65
C ARG A 188 -2.29 20.44 -4.26
N GLY A 189 -3.15 20.82 -3.31
CA GLY A 189 -3.06 22.13 -2.69
C GLY A 189 -2.19 22.05 -1.45
N ILE A 190 -1.47 23.14 -1.14
CA ILE A 190 -0.56 23.11 0.01
C ILE A 190 -1.26 23.62 1.25
N SER A 191 -1.50 22.71 2.18
CA SER A 191 -2.27 23.00 3.39
C SER A 191 -1.41 23.35 4.61
N ASP A 192 -0.10 23.16 4.51
CA ASP A 192 0.78 23.26 5.67
C ASP A 192 2.25 23.05 5.31
N GLY A 193 3.11 23.18 6.32
CA GLY A 193 4.54 23.03 6.14
C GLY A 193 5.31 24.33 6.35
N ALA A 194 4.60 25.45 6.37
CA ALA A 194 5.21 26.71 6.80
C ALA A 194 5.25 26.72 8.32
N SER A 195 4.21 26.15 8.93
CA SER A 195 4.16 25.92 10.36
C SER A 195 3.06 24.89 10.67
N THR A 204 -4.37 21.87 8.90
CA THR A 204 -5.09 23.09 9.25
C THR A 204 -6.36 23.24 8.42
N GLN A 205 -7.16 24.24 8.80
CA GLN A 205 -8.49 24.46 8.23
C GLN A 205 -8.53 25.40 7.01
N HIS A 206 -7.36 25.73 6.49
CA HIS A 206 -7.21 26.56 5.30
C HIS A 206 -7.83 25.90 4.06
N LEU A 207 -8.31 24.67 4.25
CA LEU A 207 -8.94 23.88 3.20
C LEU A 207 -10.03 24.62 2.42
N HIS A 208 -10.67 25.61 3.03
CA HIS A 208 -11.66 26.42 2.33
C HIS A 208 -11.05 27.04 1.08
N VAL A 209 -9.83 27.56 1.22
CA VAL A 209 -9.10 28.14 0.10
C VAL A 209 -8.59 27.02 -0.82
N ILE A 210 -8.14 25.93 -0.20
CA ILE A 210 -7.64 24.78 -0.95
C ILE A 210 -8.73 24.19 -1.84
N ASP A 211 -9.94 24.06 -1.29
CA ASP A 211 -11.08 23.52 -2.02
C ASP A 211 -11.46 24.36 -3.24
N GLU A 212 -11.35 25.68 -3.12
CA GLU A 212 -11.70 26.58 -4.21
C GLU A 212 -10.63 26.58 -5.31
N LYS A 213 -9.37 26.56 -4.90
CA LYS A 213 -8.27 26.55 -5.87
C LYS A 213 -8.15 25.19 -6.56
N LEU A 214 -8.52 24.13 -5.83
CA LEU A 214 -8.51 22.78 -6.38
C LEU A 214 -9.61 22.63 -7.42
N ALA A 215 -10.74 23.28 -7.17
CA ALA A 215 -11.86 23.24 -8.10
C ALA A 215 -11.51 23.98 -9.39
N GLY A 216 -10.76 25.06 -9.25
CA GLY A 216 -10.28 25.82 -10.40
C GLY A 216 -9.36 24.97 -11.26
N ALA A 217 -8.50 24.20 -10.61
CA ALA A 217 -7.58 23.31 -11.33
C ALA A 217 -8.34 22.19 -12.03
N VAL A 218 -9.36 21.65 -11.37
CA VAL A 218 -10.17 20.58 -11.94
C VAL A 218 -10.86 21.05 -13.21
N ALA A 219 -11.38 22.28 -13.17
CA ALA A 219 -11.98 22.90 -14.35
C ALA A 219 -11.01 22.95 -15.53
N ARG A 220 -9.75 23.25 -15.26
CA ARG A 220 -8.75 23.33 -16.31
C ARG A 220 -8.37 21.95 -16.85
N VAL A 221 -8.44 20.94 -15.99
CA VAL A 221 -8.12 19.58 -16.42
C VAL A 221 -9.22 19.02 -17.32
N GLU A 222 -10.47 19.18 -16.90
CA GLU A 222 -11.59 18.72 -17.70
C GLU A 222 -11.62 19.39 -19.08
N ARG A 223 -11.26 20.67 -19.12
CA ARG A 223 -11.12 21.38 -20.38
C ARG A 223 -10.00 20.77 -21.21
N ALA A 224 -8.91 20.40 -20.55
CA ALA A 224 -7.78 19.79 -21.23
C ALA A 224 -8.15 18.41 -21.77
N VAL A 225 -8.99 17.69 -21.04
CA VAL A 225 -9.45 16.37 -21.48
C VAL A 225 -10.24 16.53 -22.77
N ALA A 226 -11.12 17.53 -22.80
CA ALA A 226 -11.89 17.83 -24.00
C ALA A 226 -10.97 18.26 -25.15
N ASP A 227 -9.80 18.80 -24.80
CA ASP A 227 -8.83 19.27 -25.79
C ASP A 227 -7.91 18.16 -26.24
N GLY A 228 -8.15 16.94 -25.77
CA GLY A 228 -7.36 15.80 -26.19
C GLY A 228 -6.17 15.45 -25.32
N LEU A 229 -6.26 15.79 -24.03
CA LEU A 229 -5.22 15.46 -23.06
C LEU A 229 -4.82 13.98 -23.11
N LEU A 230 -5.77 13.11 -23.43
CA LEU A 230 -5.41 11.70 -23.58
C LEU A 230 -5.29 11.40 -25.07
N SER A 231 -4.05 11.32 -25.54
CA SER A 231 -3.71 11.10 -26.95
C SER A 231 -2.21 11.26 -27.17
N PRO A 232 -1.64 10.49 -28.10
CA PRO A 232 -0.22 10.55 -28.49
C PRO A 232 0.05 11.63 -29.55
N SER A 233 1.27 11.59 -30.12
CA SER A 233 1.74 12.29 -31.35
C SER A 233 3.10 12.95 -31.17
N ASN B 23 -5.90 -22.37 -8.86
CA ASN B 23 -4.64 -22.45 -9.59
C ASN B 23 -3.47 -22.68 -8.62
N ALA B 24 -3.04 -21.60 -7.99
CA ALA B 24 -1.94 -21.66 -7.03
C ALA B 24 -2.48 -22.07 -5.66
N MSE B 25 -3.80 -22.18 -5.56
CA MSE B 25 -4.45 -22.52 -4.31
C MSE B 25 -4.38 -24.02 -3.99
O MSE B 25 -4.46 -24.85 -4.88
CB MSE B 25 -5.91 -22.07 -4.31
CG MSE B 25 -6.17 -20.87 -3.41
SE MSE B 25 -8.03 -20.28 -3.49
CE MSE B 25 -8.07 -19.69 -5.35
N LYS B 26 -4.22 -24.33 -2.71
CA LYS B 26 -4.11 -25.71 -2.27
C LYS B 26 -5.32 -26.07 -1.41
N THR B 27 -5.88 -27.25 -1.65
CA THR B 27 -7.05 -27.68 -0.89
C THR B 27 -6.63 -28.63 0.22
N VAL B 28 -7.07 -28.34 1.43
CA VAL B 28 -6.81 -29.21 2.58
C VAL B 28 -8.10 -29.40 3.37
N ALA B 29 -8.53 -30.65 3.49
CA ALA B 29 -9.76 -31.00 4.20
C ALA B 29 -10.96 -30.21 3.74
N GLY B 30 -11.03 -29.94 2.45
CA GLY B 30 -12.14 -29.17 1.89
C GLY B 30 -12.05 -27.68 2.19
N LYS B 31 -10.92 -27.26 2.73
CA LYS B 31 -10.67 -25.84 2.98
C LYS B 31 -9.60 -25.33 2.01
N ARG B 32 -9.83 -24.16 1.43
CA ARG B 32 -8.92 -23.62 0.42
C ARG B 32 -7.89 -22.65 1.01
N LEU B 33 -6.62 -22.96 0.79
CA LEU B 33 -5.52 -22.16 1.30
C LEU B 33 -4.76 -21.48 0.17
N LEU B 34 -4.45 -20.20 0.36
CA LEU B 34 -3.68 -19.45 -0.63
C LEU B 34 -2.36 -18.95 -0.04
N TYR B 35 -1.25 -19.48 -0.56
CA TYR B 35 0.08 -19.07 -0.09
C TYR B 35 0.60 -17.90 -0.90
N VAL B 36 1.04 -16.85 -0.21
CA VAL B 36 1.59 -15.67 -0.87
C VAL B 36 2.98 -15.31 -0.34
N MSE B 37 3.90 -15.03 -1.25
CA MSE B 37 5.24 -14.61 -0.88
C MSE B 37 5.65 -13.39 -1.69
O MSE B 37 4.99 -13.03 -2.65
CB MSE B 37 6.24 -15.75 -1.10
CG MSE B 37 5.94 -17.00 -0.28
SE MSE B 37 7.29 -18.42 -0.45
CE MSE B 37 8.72 -17.62 0.61
N ALA B 38 6.74 -12.75 -1.28
CA ALA B 38 7.20 -11.53 -1.92
C ALA B 38 7.96 -11.83 -3.21
N ALA B 39 9.13 -12.44 -3.06
CA ALA B 39 9.98 -12.77 -4.20
C ALA B 39 10.32 -14.25 -4.15
N ASP B 40 11.18 -14.71 -5.06
CA ASP B 40 11.66 -16.09 -5.03
C ASP B 40 12.25 -16.34 -3.65
N ALA B 41 13.44 -15.80 -3.42
CA ALA B 41 13.96 -15.60 -2.06
C ALA B 41 13.89 -16.84 -1.17
N GLU B 42 13.06 -16.73 -0.12
CA GLU B 42 12.92 -17.74 0.91
C GLU B 42 12.34 -19.07 0.44
N TYR B 43 11.93 -19.13 -0.83
CA TYR B 43 11.22 -20.29 -1.36
C TYR B 43 12.22 -21.29 -1.93
N GLY B 44 12.38 -22.40 -1.24
CA GLY B 44 13.33 -23.43 -1.63
C GLY B 44 12.68 -24.71 -2.11
N ARG B 45 13.43 -25.80 -2.05
CA ARG B 45 12.94 -27.09 -2.53
C ARG B 45 11.90 -27.69 -1.57
N HIS B 46 12.13 -27.51 -0.27
CA HIS B 46 11.22 -28.06 0.73
C HIS B 46 9.84 -27.41 0.70
N LEU B 47 9.82 -26.10 0.44
CA LEU B 47 8.56 -25.38 0.29
C LEU B 47 7.89 -25.71 -1.04
N ALA B 48 8.71 -25.88 -2.07
CA ALA B 48 8.22 -26.15 -3.42
C ALA B 48 7.35 -27.40 -3.48
N LYS B 49 7.70 -28.40 -2.68
CA LYS B 49 6.94 -29.64 -2.64
C LYS B 49 5.54 -29.43 -2.06
N LEU B 50 5.41 -28.47 -1.16
CA LEU B 50 4.14 -28.20 -0.49
C LEU B 50 3.15 -27.35 -1.29
N PHE B 51 3.65 -26.30 -1.93
CA PHE B 51 2.76 -25.38 -2.65
C PHE B 51 3.46 -24.55 -3.71
N THR B 52 2.67 -23.96 -4.60
CA THR B 52 3.16 -22.95 -5.52
C THR B 52 2.58 -21.59 -5.12
N PRO B 53 3.43 -20.71 -4.57
CA PRO B 53 3.02 -19.43 -3.99
C PRO B 53 2.70 -18.35 -5.02
N LEU B 54 1.75 -17.49 -4.69
CA LEU B 54 1.49 -16.28 -5.44
C LEU B 54 2.64 -15.30 -5.21
N MSE B 55 3.08 -14.63 -6.26
CA MSE B 55 4.14 -13.64 -6.13
C MSE B 55 3.52 -12.28 -5.89
O MSE B 55 2.87 -11.71 -6.78
CB MSE B 55 5.02 -13.64 -7.39
CG MSE B 55 5.67 -14.97 -7.64
SE MSE B 55 7.02 -15.34 -6.29
CE MSE B 55 8.47 -14.31 -7.07
N ILE B 56 3.69 -11.78 -4.68
CA ILE B 56 2.96 -10.61 -4.22
C ILE B 56 3.72 -9.28 -4.40
N GLY B 57 5.02 -9.36 -4.69
CA GLY B 57 5.83 -8.17 -4.83
C GLY B 57 6.43 -7.72 -3.51
N VAL B 58 7.30 -6.72 -3.57
CA VAL B 58 8.06 -6.28 -2.40
C VAL B 58 7.60 -4.90 -1.90
N GLY B 59 7.33 -4.81 -0.60
CA GLY B 59 6.90 -3.56 0.01
C GLY B 59 5.41 -3.51 0.22
N PRO B 60 4.95 -2.61 1.09
CA PRO B 60 3.53 -2.49 1.44
C PRO B 60 2.64 -2.08 0.27
N VAL B 61 3.15 -1.27 -0.64
CA VAL B 61 2.36 -0.81 -1.77
C VAL B 61 2.22 -1.91 -2.83
N GLU B 62 3.32 -2.59 -3.13
CA GLU B 62 3.29 -3.70 -4.07
C GLU B 62 2.42 -4.84 -3.57
N ALA B 63 2.55 -5.14 -2.27
CA ALA B 63 1.81 -6.23 -1.67
C ALA B 63 0.31 -5.93 -1.67
N ALA B 64 -0.04 -4.71 -1.30
CA ALA B 64 -1.45 -4.33 -1.18
C ALA B 64 -2.12 -4.33 -2.54
N VAL B 65 -1.46 -3.76 -3.55
CA VAL B 65 -2.02 -3.68 -4.89
C VAL B 65 -2.17 -5.08 -5.50
N ASN B 66 -1.11 -5.87 -5.44
CA ASN B 66 -1.12 -7.19 -6.04
C ASN B 66 -2.07 -8.17 -5.36
N LEU B 67 -2.16 -8.12 -4.03
CA LEU B 67 -3.03 -9.05 -3.33
C LEU B 67 -4.50 -8.64 -3.42
N ALA B 68 -4.77 -7.34 -3.39
CA ALA B 68 -6.13 -6.85 -3.53
C ALA B 68 -6.66 -7.20 -4.92
N SER B 69 -5.80 -7.11 -5.92
CA SER B 69 -6.16 -7.48 -7.29
C SER B 69 -6.46 -8.95 -7.39
N ALA B 70 -5.53 -9.78 -6.90
CA ALA B 70 -5.70 -11.21 -6.93
C ALA B 70 -6.97 -11.63 -6.19
N LEU B 71 -7.20 -11.07 -5.02
CA LEU B 71 -8.38 -11.39 -4.23
C LEU B 71 -9.67 -10.92 -4.88
N ALA B 72 -9.60 -9.82 -5.64
CA ALA B 72 -10.77 -9.31 -6.33
C ALA B 72 -11.14 -10.20 -7.52
N HIS B 73 -10.12 -10.70 -8.21
CA HIS B 73 -10.34 -11.64 -9.30
C HIS B 73 -10.91 -12.94 -8.76
N LEU B 74 -10.46 -13.32 -7.58
CA LEU B 74 -10.91 -14.55 -6.95
C LEU B 74 -12.30 -14.42 -6.35
N LYS B 75 -12.66 -13.21 -5.91
CA LYS B 75 -13.97 -12.98 -5.30
C LYS B 75 -15.09 -13.02 -6.34
N LEU B 76 -14.93 -12.24 -7.40
CA LEU B 76 -15.94 -12.17 -8.45
C LEU B 76 -16.05 -13.50 -9.19
N ALA B 77 -14.96 -14.27 -9.17
CA ALA B 77 -14.94 -15.63 -9.70
C ALA B 77 -15.22 -16.67 -8.61
N GLY B 78 -15.56 -16.19 -7.41
CA GLY B 78 -15.53 -17.00 -6.20
C GLY B 78 -16.22 -18.35 -6.28
N ASP B 79 -15.53 -19.44 -5.92
CA ASP B 79 -14.15 -19.50 -5.41
C ASP B 79 -13.86 -18.79 -4.05
N MSE B 80 -12.77 -18.02 -4.02
CA MSE B 80 -12.19 -17.42 -2.80
C MSE B 80 -11.52 -18.45 -1.87
O MSE B 80 -11.99 -19.58 -1.77
CB MSE B 80 -13.23 -16.62 -2.02
CG MSE B 80 -13.54 -15.26 -2.61
SE MSE B 80 -12.35 -13.89 -1.88
CE MSE B 80 -13.42 -13.40 -0.33
N PRO B 81 -10.44 -18.03 -1.19
CA PRO B 81 -9.75 -18.85 -0.19
C PRO B 81 -10.41 -18.79 1.19
N ASP B 82 -10.26 -19.85 1.97
CA ASP B 82 -10.72 -19.83 3.35
C ASP B 82 -9.63 -19.30 4.28
N LEU B 83 -8.39 -19.32 3.81
CA LEU B 83 -7.28 -18.76 4.56
C LEU B 83 -6.17 -18.29 3.63
N VAL B 84 -5.53 -17.17 3.98
CA VAL B 84 -4.35 -16.72 3.27
C VAL B 84 -3.12 -16.83 4.17
N ILE B 85 -2.11 -17.53 3.67
CA ILE B 85 -0.87 -17.72 4.41
C ILE B 85 0.22 -16.82 3.87
N SER B 86 0.61 -15.83 4.65
CA SER B 86 1.65 -14.90 4.25
C SER B 86 2.98 -15.34 4.87
N LEU B 87 3.91 -15.78 4.03
CA LEU B 87 5.18 -16.28 4.53
C LEU B 87 6.39 -15.75 3.75
N GLY B 88 7.55 -15.79 4.40
CA GLY B 88 8.77 -15.21 3.86
C GLY B 88 9.71 -14.91 5.00
N SER B 89 10.70 -14.05 4.77
CA SER B 89 11.69 -13.79 5.80
C SER B 89 11.35 -12.56 6.64
N ALA B 90 12.14 -12.35 7.68
CA ALA B 90 11.98 -11.21 8.56
C ALA B 90 13.30 -10.89 9.23
N GLY B 91 13.50 -9.62 9.60
CA GLY B 91 14.65 -9.26 10.40
C GLY B 91 14.29 -9.22 11.88
N SER B 92 15.27 -9.47 12.73
CA SER B 92 15.08 -9.27 14.17
C SER B 92 16.41 -8.95 14.86
N ALA B 93 16.38 -8.01 15.79
CA ALA B 93 17.54 -7.75 16.64
C ALA B 93 17.37 -8.47 17.97
N LYS B 94 16.23 -9.13 18.12
CA LYS B 94 15.82 -9.72 19.38
C LYS B 94 15.84 -11.24 19.34
N LEU B 95 15.07 -11.81 18.42
CA LEU B 95 14.93 -13.25 18.29
C LEU B 95 16.11 -13.92 17.56
N PRO B 96 16.40 -15.19 17.93
CA PRO B 96 17.45 -16.00 17.30
C PRO B 96 17.33 -16.11 15.78
N GLN B 97 18.49 -16.18 15.11
CA GLN B 97 18.54 -16.35 13.66
C GLN B 97 18.10 -17.74 13.25
N ALA B 98 17.74 -17.88 11.98
CA ALA B 98 17.48 -19.19 11.37
C ALA B 98 16.39 -19.98 12.10
N GLU B 99 15.36 -19.27 12.55
CA GLU B 99 14.24 -19.90 13.23
C GLU B 99 12.94 -19.34 12.66
N VAL B 100 11.89 -20.14 12.69
CA VAL B 100 10.63 -19.75 12.10
C VAL B 100 9.59 -19.41 13.18
N TYR B 101 8.83 -18.34 12.95
CA TYR B 101 7.85 -17.88 13.91
C TYR B 101 6.53 -17.59 13.21
N GLN B 102 5.43 -18.02 13.82
CA GLN B 102 4.12 -17.61 13.34
C GLN B 102 3.82 -16.22 13.90
N VAL B 103 3.08 -15.43 13.14
CA VAL B 103 2.82 -14.04 13.52
C VAL B 103 1.63 -13.94 14.47
N SER B 104 1.88 -13.44 15.68
CA SER B 104 0.83 -13.26 16.66
C SER B 104 0.07 -11.96 16.40
N SER B 105 0.79 -10.94 15.96
CA SER B 105 0.19 -9.63 15.70
C SER B 105 1.02 -8.83 14.72
N VAL B 106 0.41 -7.84 14.09
CA VAL B 106 1.11 -7.07 13.07
C VAL B 106 0.78 -5.57 13.14
N SER B 107 1.81 -4.74 13.00
CA SER B 107 1.64 -3.30 12.99
C SER B 107 2.29 -2.67 11.76
N TYR B 108 1.87 -1.45 11.43
CA TYR B 108 2.36 -0.73 10.27
C TYR B 108 3.27 0.40 10.76
N ARG B 109 4.58 0.25 10.58
CA ARG B 109 5.51 1.19 11.21
C ARG B 109 5.67 2.49 10.43
N ASP B 110 5.19 2.52 9.19
CA ASP B 110 5.33 3.70 8.36
C ASP B 110 4.25 4.72 8.67
N MSE B 111 3.20 4.27 9.36
CA MSE B 111 2.08 5.13 9.65
C MSE B 111 2.38 6.04 10.83
O MSE B 111 2.57 5.57 11.95
CB MSE B 111 0.86 4.27 9.97
CG MSE B 111 -0.37 5.04 10.38
SE MSE B 111 -1.07 6.14 8.94
CE MSE B 111 -0.68 7.87 9.67
N ASP B 112 2.45 7.35 10.58
CA ASP B 112 2.51 8.32 11.66
C ASP B 112 1.61 9.52 11.40
N ALA B 113 0.49 9.58 12.10
CA ALA B 113 -0.42 10.73 12.06
C ALA B 113 -0.29 11.65 13.27
N SER B 114 0.67 11.35 14.14
CA SER B 114 0.82 12.08 15.40
C SER B 114 0.82 13.63 15.34
N PRO B 115 1.45 14.24 14.32
CA PRO B 115 1.38 15.71 14.25
C PRO B 115 -0.04 16.29 14.26
N ILE B 116 -1.01 15.57 13.72
CA ILE B 116 -2.40 16.04 13.76
C ILE B 116 -3.22 15.47 14.91
N GLY B 117 -2.57 14.73 15.80
CA GLY B 117 -3.22 14.28 17.02
C GLY B 117 -3.53 12.81 17.17
N PHE B 118 -3.36 12.03 16.10
CA PHE B 118 -3.60 10.58 16.19
C PHE B 118 -2.45 9.87 16.89
N GLU B 119 -2.78 8.77 17.57
CA GLU B 119 -1.75 7.93 18.18
C GLU B 119 -0.82 7.41 17.09
N LYS B 120 0.49 7.51 17.34
CA LYS B 120 1.50 7.05 16.39
C LYS B 120 1.29 5.59 16.02
N GLY B 121 1.25 5.32 14.72
CA GLY B 121 1.07 3.96 14.24
C GLY B 121 -0.38 3.61 13.97
N VAL B 122 -1.27 4.58 14.15
CA VAL B 122 -2.70 4.36 13.94
C VAL B 122 -3.18 5.09 12.69
N THR B 123 -3.90 4.37 11.83
CA THR B 123 -4.45 4.98 10.62
C THR B 123 -5.75 5.71 10.91
N PRO B 124 -5.81 6.99 10.56
CA PRO B 124 -7.03 7.80 10.70
C PRO B 124 -8.22 7.19 9.96
N PHE B 125 -9.37 7.19 10.64
CA PHE B 125 -10.66 6.77 10.08
C PHE B 125 -10.84 5.26 9.96
N LEU B 126 -9.75 4.51 10.11
CA LEU B 126 -9.87 3.07 10.30
C LEU B 126 -10.15 2.84 11.77
N ASP B 127 -11.00 1.88 12.11
CA ASP B 127 -11.05 1.51 13.51
C ASP B 127 -10.24 0.24 13.62
N LEU B 128 -8.99 0.42 14.01
CA LEU B 128 -8.08 -0.67 14.30
C LEU B 128 -7.07 -0.16 15.33
N PRO B 129 -6.60 -1.04 16.21
CA PRO B 129 -5.53 -0.65 17.14
C PRO B 129 -4.21 -0.50 16.38
N GLU B 130 -3.23 0.14 16.99
CA GLU B 130 -1.89 0.23 16.41
C GLU B 130 -1.33 -1.16 16.14
N THR B 131 -1.68 -2.11 16.99
CA THR B 131 -1.25 -3.49 16.83
C THR B 131 -2.45 -4.41 16.62
N VAL B 132 -2.45 -5.14 15.51
CA VAL B 132 -3.58 -5.97 15.15
C VAL B 132 -3.29 -7.46 15.34
N GLU B 133 -4.01 -8.06 16.29
CA GLU B 133 -3.86 -9.49 16.56
C GLU B 133 -4.35 -10.33 15.41
N LEU B 134 -3.60 -11.37 15.06
CA LEU B 134 -4.02 -12.33 14.05
C LEU B 134 -4.82 -13.46 14.70
N PRO B 135 -5.78 -14.04 13.97
CA PRO B 135 -6.76 -14.98 14.53
C PRO B 135 -6.20 -16.26 15.13
N PHE B 136 -5.24 -16.91 14.46
CA PHE B 136 -4.91 -18.29 14.80
C PHE B 136 -3.54 -18.51 15.45
N ARG B 137 -3.48 -19.55 16.29
CA ARG B 137 -2.23 -20.01 16.87
C ARG B 137 -2.12 -21.52 16.65
N VAL B 138 -0.97 -21.97 16.17
CA VAL B 138 -0.77 -23.37 15.86
C VAL B 138 0.30 -23.97 16.77
N ALA B 139 -0.04 -25.07 17.43
CA ALA B 139 0.86 -25.70 18.38
C ALA B 139 2.15 -26.19 17.72
N GLY B 140 3.25 -26.09 18.46
CA GLY B 140 4.53 -26.58 17.97
C GLY B 140 5.32 -25.55 17.21
N ILE B 141 4.82 -24.32 17.17
CA ILE B 141 5.51 -23.24 16.46
C ILE B 141 5.63 -21.99 17.35
N ASP B 142 6.83 -21.44 17.43
CA ASP B 142 7.06 -20.22 18.19
C ASP B 142 6.27 -19.07 17.60
N THR B 143 5.87 -18.12 18.45
CA THR B 143 5.07 -16.99 18.00
C THR B 143 5.84 -15.69 18.21
N ALA B 144 5.57 -14.70 17.38
CA ALA B 144 6.22 -13.40 17.51
C ALA B 144 5.39 -12.26 16.94
N SER B 145 5.62 -11.06 17.47
CA SER B 145 4.96 -9.87 16.94
C SER B 145 5.70 -9.37 15.71
N LEU B 146 4.95 -8.77 14.77
CA LEU B 146 5.54 -8.31 13.53
C LEU B 146 5.28 -6.83 13.25
N SER B 147 6.28 -6.17 12.70
CA SER B 147 6.14 -4.80 12.23
C SER B 147 6.43 -4.79 10.74
N THR B 148 5.58 -4.15 9.95
CA THR B 148 5.88 -4.02 8.52
C THR B 148 6.03 -2.58 8.06
N GLY B 149 6.91 -2.39 7.08
CA GLY B 149 7.19 -1.09 6.51
C GLY B 149 8.03 -1.27 5.27
N GLY B 150 8.15 -0.20 4.48
CA GLY B 150 8.82 -0.28 3.20
C GLY B 150 10.33 -0.28 3.29
N ASN B 151 10.85 -0.09 4.49
CA ASN B 151 12.30 -0.02 4.65
C ASN B 151 12.90 -1.29 5.22
N ILE B 152 14.11 -1.61 4.79
CA ILE B 152 14.87 -2.69 5.39
C ILE B 152 15.52 -2.19 6.66
N VAL B 153 15.17 -2.78 7.79
CA VAL B 153 15.71 -2.36 9.09
C VAL B 153 17.07 -2.98 9.34
N SER B 154 18.06 -2.13 9.63
CA SER B 154 19.42 -2.61 9.87
C SER B 154 20.13 -1.79 10.93
N GLY B 155 20.92 -2.48 11.76
CA GLY B 155 21.72 -1.83 12.78
C GLY B 155 20.93 -1.04 13.80
N LYS B 156 21.27 0.24 13.91
CA LYS B 156 20.70 1.15 14.89
C LYS B 156 19.18 1.31 14.76
N ALA B 157 18.67 1.07 13.55
CA ALA B 157 17.26 1.30 13.25
C ALA B 157 16.29 0.40 14.03
N TYR B 158 16.81 -0.66 14.63
CA TYR B 158 15.96 -1.60 15.37
C TYR B 158 15.45 -1.04 16.69
N GLU B 159 16.13 -0.02 17.20
CA GLU B 159 15.89 0.46 18.56
C GLU B 159 14.50 1.05 18.82
N ARG B 160 13.91 1.65 17.79
CA ARG B 160 12.61 2.30 17.95
C ARG B 160 11.45 1.39 17.57
N ILE B 161 11.76 0.13 17.26
CA ILE B 161 10.75 -0.83 16.84
C ILE B 161 10.35 -1.77 17.97
N GLU B 162 9.09 -1.72 18.37
CA GLU B 162 8.59 -2.46 19.52
C GLU B 162 8.29 -3.92 19.22
N ALA B 163 7.98 -4.23 17.97
CA ALA B 163 7.69 -5.62 17.58
C ALA B 163 8.94 -6.50 17.67
N ASP B 164 8.74 -7.80 17.82
CA ASP B 164 9.84 -8.75 17.91
C ASP B 164 10.66 -8.78 16.63
N MSE B 165 9.97 -8.67 15.49
CA MSE B 165 10.60 -8.82 14.17
C MSE B 165 9.99 -7.88 13.14
O MSE B 165 8.93 -7.29 13.36
CB MSE B 165 10.49 -10.27 13.70
CG MSE B 165 9.06 -10.74 13.55
SE MSE B 165 8.94 -12.64 13.14
CE MSE B 165 10.16 -13.30 14.47
N VAL B 166 10.67 -7.74 12.00
CA VAL B 166 10.23 -6.81 10.96
C VAL B 166 10.21 -7.44 9.57
N ASP B 167 9.15 -7.15 8.81
CA ASP B 167 9.07 -7.54 7.41
C ASP B 167 8.54 -6.37 6.56
N MSE B 168 8.48 -6.56 5.26
CA MSE B 168 7.93 -5.53 4.37
C MSE B 168 6.52 -5.72 3.79
O MSE B 168 6.06 -4.89 3.01
CB MSE B 168 8.95 -5.21 3.29
CG MSE B 168 10.25 -4.77 3.89
SE MSE B 168 11.70 -4.83 2.63
CE MSE B 168 10.96 -3.55 1.36
N GLU B 169 5.85 -6.80 4.16
CA GLU B 169 4.63 -7.23 3.46
C GLU B 169 3.35 -7.38 4.31
N THR B 170 3.43 -8.23 5.32
CA THR B 170 2.27 -8.79 6.03
C THR B 170 1.12 -7.85 6.39
N TYR B 171 1.40 -6.63 6.83
CA TYR B 171 0.33 -5.70 7.13
C TYR B 171 -0.49 -5.35 5.90
N ALA B 172 0.19 -5.20 4.76
CA ALA B 172 -0.49 -4.94 3.51
C ALA B 172 -1.40 -6.11 3.15
N CYS B 173 -0.89 -7.32 3.35
CA CYS B 173 -1.68 -8.54 3.15
C CYS B 173 -2.90 -8.57 4.08
N LEU B 174 -2.70 -8.18 5.33
CA LEU B 174 -3.77 -8.17 6.32
C LEU B 174 -4.94 -7.31 5.87
N ARG B 175 -4.65 -6.09 5.46
CA ARG B 175 -5.69 -5.17 5.00
C ARG B 175 -6.36 -5.66 3.73
N ALA B 176 -5.59 -6.27 2.84
CA ALA B 176 -6.16 -6.84 1.63
C ALA B 176 -7.14 -7.96 1.98
N CYS B 177 -6.74 -8.83 2.90
CA CYS B 177 -7.58 -9.93 3.35
C CYS B 177 -8.84 -9.44 4.08
N GLN B 178 -8.67 -8.41 4.91
CA GLN B 178 -9.79 -7.84 5.66
C GLN B 178 -10.82 -7.19 4.76
N ALA B 179 -10.37 -6.66 3.62
CA ALA B 179 -11.26 -5.97 2.69
C ALA B 179 -12.28 -6.93 2.09
N VAL B 180 -11.85 -8.15 1.80
CA VAL B 180 -12.73 -9.17 1.25
C VAL B 180 -13.27 -10.14 2.31
N GLY B 181 -12.86 -9.95 3.56
CA GLY B 181 -13.29 -10.82 4.64
C GLY B 181 -12.69 -12.22 4.65
N VAL B 182 -11.37 -12.30 4.56
CA VAL B 182 -10.66 -13.58 4.66
C VAL B 182 -9.64 -13.51 5.79
N PRO B 183 -9.53 -14.57 6.60
CA PRO B 183 -8.54 -14.55 7.69
C PRO B 183 -7.12 -14.75 7.18
N LEU B 184 -6.15 -14.22 7.91
CA LEU B 184 -4.75 -14.30 7.51
C LEU B 184 -3.91 -15.05 8.54
N LEU B 185 -2.92 -15.79 8.07
CA LEU B 185 -1.94 -16.45 8.94
C LEU B 185 -0.53 -16.10 8.46
N GLY B 186 0.26 -15.48 9.33
CA GLY B 186 1.64 -15.16 8.99
C GLY B 186 2.65 -16.20 9.44
N LEU B 187 3.75 -16.33 8.67
CA LEU B 187 4.84 -17.23 9.00
C LEU B 187 6.16 -16.57 8.58
N ARG B 188 7.14 -16.52 9.47
CA ARG B 188 8.39 -15.81 9.17
C ARG B 188 9.64 -16.51 9.67
N GLY B 189 10.62 -16.68 8.78
CA GLY B 189 11.95 -17.10 9.18
C GLY B 189 12.86 -15.89 9.37
N ILE B 190 13.86 -16.01 10.25
CA ILE B 190 14.73 -14.87 10.54
C ILE B 190 15.99 -14.89 9.70
N SER B 191 16.08 -13.95 8.76
CA SER B 191 17.23 -13.84 7.87
C SER B 191 18.42 -13.08 8.45
N ASP B 192 18.15 -11.94 9.09
CA ASP B 192 19.22 -11.01 9.49
C ASP B 192 18.95 -10.37 10.85
N GLY B 193 19.76 -9.39 11.23
CA GLY B 193 19.76 -8.88 12.59
C GLY B 193 20.28 -10.04 13.42
N ALA B 194 19.47 -10.50 14.38
CA ALA B 194 19.60 -11.88 14.86
C ALA B 194 20.97 -12.21 15.44
N SER B 195 21.21 -11.75 16.67
CA SER B 195 22.54 -11.73 17.28
C SER B 195 23.40 -12.98 17.03
N GLU B 196 22.97 -14.12 17.53
CA GLU B 196 23.68 -15.37 17.23
C GLU B 196 22.70 -16.48 16.86
N LEU B 207 19.71 -18.59 3.97
CA LEU B 207 18.32 -18.92 3.66
C LEU B 207 18.16 -20.41 3.45
N HIS B 208 19.16 -21.17 3.87
CA HIS B 208 19.19 -22.61 3.65
C HIS B 208 18.21 -23.32 4.58
N VAL B 209 18.52 -23.28 5.88
CA VAL B 209 17.72 -23.97 6.90
C VAL B 209 16.32 -23.36 7.06
N ILE B 210 16.20 -22.07 6.79
CA ILE B 210 14.91 -21.38 6.90
C ILE B 210 13.86 -22.04 6.00
N ASP B 211 14.28 -22.41 4.79
CA ASP B 211 13.39 -23.11 3.85
C ASP B 211 12.87 -24.41 4.45
N GLU B 212 13.74 -25.11 5.18
CA GLU B 212 13.37 -26.37 5.80
C GLU B 212 12.43 -26.16 6.98
N LYS B 213 12.68 -25.10 7.74
CA LYS B 213 11.86 -24.81 8.92
C LYS B 213 10.49 -24.22 8.58
N LEU B 214 10.43 -23.42 7.53
CA LEU B 214 9.15 -22.90 7.05
C LEU B 214 8.30 -24.06 6.54
N ALA B 215 8.93 -25.02 5.88
CA ALA B 215 8.24 -26.20 5.38
C ALA B 215 7.66 -27.03 6.51
N GLY B 216 8.45 -27.20 7.57
CA GLY B 216 7.98 -27.90 8.75
C GLY B 216 6.83 -27.19 9.41
N ALA B 217 6.87 -25.85 9.39
CA ALA B 217 5.81 -25.05 9.97
C ALA B 217 4.54 -25.13 9.12
N VAL B 218 4.70 -25.09 7.81
CA VAL B 218 3.58 -25.19 6.89
C VAL B 218 2.86 -26.53 7.06
N ALA B 219 3.63 -27.60 7.18
CA ALA B 219 3.09 -28.93 7.41
C ALA B 219 2.24 -28.99 8.67
N ARG B 220 2.73 -28.39 9.76
CA ARG B 220 1.98 -28.35 11.01
C ARG B 220 0.70 -27.53 10.87
N VAL B 221 0.77 -26.46 10.09
CA VAL B 221 -0.39 -25.60 9.86
C VAL B 221 -1.47 -26.33 9.06
N GLU B 222 -1.06 -27.04 8.01
CA GLU B 222 -2.01 -27.81 7.21
C GLU B 222 -2.67 -28.92 8.03
N ARG B 223 -1.89 -29.59 8.87
CA ARG B 223 -2.43 -30.58 9.79
C ARG B 223 -3.41 -29.92 10.76
N ALA B 224 -3.05 -28.73 11.22
CA ALA B 224 -3.90 -27.96 12.12
C ALA B 224 -5.24 -27.63 11.46
N VAL B 225 -5.21 -27.38 10.15
CA VAL B 225 -6.41 -27.08 9.39
C VAL B 225 -7.29 -28.33 9.26
N ALA B 226 -6.64 -29.48 9.09
CA ALA B 226 -7.36 -30.75 9.00
C ALA B 226 -8.01 -31.11 10.33
N ASP B 227 -7.59 -30.44 11.40
CA ASP B 227 -8.16 -30.67 12.72
C ASP B 227 -9.28 -29.69 13.05
N GLY B 228 -9.65 -28.84 12.09
CA GLY B 228 -10.79 -27.96 12.27
C GLY B 228 -10.46 -26.55 12.73
N LEU B 229 -9.21 -26.13 12.54
CA LEU B 229 -8.77 -24.79 12.92
C LEU B 229 -9.60 -23.69 12.26
N LEU B 230 -10.09 -23.94 11.06
CA LEU B 230 -10.90 -22.97 10.33
C LEU B 230 -12.40 -23.16 10.60
N SER B 231 -12.71 -24.12 11.46
CA SER B 231 -14.07 -24.44 11.92
C SER B 231 -15.23 -23.98 11.04
N9 ADE C . -0.99 16.00 3.54
C8 ADE C . -1.14 17.31 3.93
N7 ADE C . -0.16 17.75 4.67
C5 ADE C . 0.70 16.66 4.78
C6 ADE C . 1.93 16.49 5.43
N6 ADE C . 2.53 17.44 6.14
N1 ADE C . 2.52 15.27 5.34
C2 ADE C . 1.92 14.32 4.63
N3 ADE C . 0.75 14.36 3.97
C4 ADE C . 0.20 15.58 4.08
P PO4 D . 11.99 11.69 -1.58
O1 PO4 D . 11.68 10.26 -1.91
O2 PO4 D . 11.18 12.11 -0.38
O3 PO4 D . 13.46 11.84 -1.27
O4 PO4 D . 11.62 12.57 -2.76
N9 ADE E . 12.62 -8.69 5.78
C8 ADE E . 13.65 -9.58 5.97
N7 ADE E . 14.69 -9.05 6.57
C5 ADE E . 14.31 -7.73 6.80
C6 ADE E . 14.98 -6.65 7.40
N6 ADE E . 16.21 -6.73 7.91
N1 ADE E . 14.32 -5.46 7.45
C2 ADE E . 13.10 -5.38 6.94
N3 ADE E . 12.37 -6.34 6.34
C4 ADE E . 13.04 -7.50 6.31
P PO4 F . 6.21 -0.72 15.92
O1 PO4 F . 5.10 -1.41 16.69
O2 PO4 F . 6.59 0.56 16.65
O3 PO4 F . 7.41 -1.64 15.86
O4 PO4 F . 5.75 -0.41 14.52
C1 GOL G . -2.29 0.85 11.62
O1 GOL G . -2.48 1.82 10.61
C2 GOL G . -3.61 0.18 11.98
O2 GOL G . -3.33 -1.04 12.64
C3 GOL G . -4.40 1.08 12.93
O3 GOL G . -5.14 2.02 12.19
#